data_4DXV
#
_entry.id   4DXV
#
_cell.length_a   51.350
_cell.length_b   122.470
_cell.length_c   52.330
_cell.angle_alpha   90.00
_cell.angle_beta   115.92
_cell.angle_gamma   90.00
#
_symmetry.space_group_name_H-M   'P 1 21 1'
#
loop_
_entity.id
_entity.type
_entity.pdbx_description
1 polymer 'Dihydrodipicolinate synthase'
2 non-polymer 'CHLORIDE ION'
3 non-polymer GLYCEROL
4 non-polymer 'MAGNESIUM ION'
5 water water
#
_entity_poly.entity_id   1
_entity_poly.type   'polypeptide(L)'
_entity_poly.pdbx_seq_one_letter_code
;TIQGSIVAIVTPMLKDGGVDWKSLEKLVEWHIEQGTNSIVAVGTTGEASTLSMEEHTQVIKEIIRVANKRIPIIAGTGAN
STREAIELTKAAKDLGADAALLVTPYYNKPTQEGLYQHYKAIAEAVELPLILYNVPGRTGVDLSNDTAVRLAEIPNIVGI
KDATGDVPRGKALIDALNGKMAVYSGDDETAWELMLLGADGNISVTANIAPKAMSEVCAVAIAKDEQQAKTLNNKIANLH
NILFCESNPIPVKWALHEMGLIDTGIRLPLTPLAEQYREPLRNALKDAGII
;
_entity_poly.pdbx_strand_id   A,B
#
# COMPACT_ATOMS: atom_id res chain seq x y z
N THR A 1 -0.08 12.98 25.57
CA THR A 1 0.32 14.41 25.60
C THR A 1 -0.17 15.40 24.51
N ILE A 2 0.07 15.22 23.18
CA ILE A 2 -0.58 16.10 22.17
C ILE A 2 -2.11 15.82 22.23
N GLN A 3 -2.96 16.83 22.43
CA GLN A 3 -4.38 16.59 22.49
C GLN A 3 -5.17 17.55 21.60
N GLY A 4 -6.40 17.20 21.25
CA GLY A 4 -7.29 18.15 20.62
C GLY A 4 -7.52 17.84 19.15
N SER A 5 -7.69 18.90 18.36
CA SER A 5 -7.83 18.85 16.88
C SER A 5 -6.49 18.90 16.18
N ILE A 6 -6.13 17.79 15.56
CA ILE A 6 -4.81 17.68 14.97
C ILE A 6 -5.09 17.58 13.45
N VAL A 7 -4.85 18.65 12.70
CA VAL A 7 -5.23 18.57 11.28
C VAL A 7 -4.24 17.73 10.47
N ALA A 8 -4.81 16.84 9.70
CA ALA A 8 -3.97 16.07 8.74
C ALA A 8 -3.88 16.96 7.51
N ILE A 9 -2.87 17.79 7.42
CA ILE A 9 -2.99 18.96 6.49
C ILE A 9 -2.65 18.50 5.06
N VAL A 10 -3.35 19.10 4.12
CA VAL A 10 -3.14 18.80 2.69
C VAL A 10 -1.74 19.44 2.33
N THR A 11 -1.16 19.04 1.22
CA THR A 11 0.00 19.72 0.72
C THR A 11 -0.53 20.51 -0.53
N PRO A 12 -0.73 21.84 -0.40
CA PRO A 12 -1.24 22.59 -1.57
C PRO A 12 -0.26 22.50 -2.70
N MET A 13 -0.81 22.46 -3.93
CA MET A 13 0.04 22.30 -5.11
C MET A 13 -0.47 23.24 -6.20
N LEU A 14 0.50 23.62 -7.05
CA LEU A 14 0.22 24.43 -8.24
C LEU A 14 -0.48 23.53 -9.25
N LYS A 15 -1.04 24.13 -10.29
CA LYS A 15 -1.72 23.35 -11.34
C LYS A 15 -0.87 22.22 -11.87
N ASP A 16 0.41 22.43 -11.98
CA ASP A 16 1.29 21.41 -12.57
C ASP A 16 1.81 20.43 -11.52
N GLY A 17 1.25 20.49 -10.28
CA GLY A 17 1.64 19.54 -9.23
C GLY A 17 2.79 19.98 -8.31
N GLY A 18 3.56 21.02 -8.70
CA GLY A 18 4.66 21.58 -7.85
C GLY A 18 4.07 21.97 -6.50
N VAL A 19 4.83 21.84 -5.42
CA VAL A 19 4.28 22.28 -4.13
C VAL A 19 4.08 23.81 -4.11
N ASP A 20 2.93 24.23 -3.63
CA ASP A 20 2.57 25.68 -3.51
C ASP A 20 2.98 26.18 -2.14
N TRP A 21 4.21 26.66 -2.04
CA TRP A 21 4.81 27.01 -0.74
C TRP A 21 4.08 28.15 -0.05
N LYS A 22 3.73 29.18 -0.82
CA LYS A 22 3.05 30.31 -0.23
C LYS A 22 1.71 29.87 0.30
N SER A 23 0.98 29.08 -0.47
CA SER A 23 -0.34 28.70 0.05
C SER A 23 -0.26 27.77 1.35
N LEU A 24 0.77 26.94 1.40
CA LEU A 24 1.02 26.11 2.60
C LEU A 24 1.30 27.00 3.80
N GLU A 25 2.20 27.96 3.66
CA GLU A 25 2.44 28.93 4.76
C GLU A 25 1.12 29.53 5.23
N LYS A 26 0.32 30.06 4.30
CA LYS A 26 -0.98 30.65 4.70
C LYS A 26 -1.92 29.73 5.45
N LEU A 27 -2.00 28.48 4.99
CA LEU A 27 -2.78 27.49 5.70
C LEU A 27 -2.32 27.24 7.11
N VAL A 28 -1.00 27.12 7.30
CA VAL A 28 -0.36 26.78 8.65
C VAL A 28 -0.69 27.96 9.60
N GLU A 29 -0.49 29.20 9.10
CA GLU A 29 -0.91 30.37 9.84
C GLU A 29 -2.40 30.40 10.22
N TRP A 30 -3.30 30.06 9.28
CA TRP A 30 -4.70 30.11 9.53
C TRP A 30 -5.10 29.05 10.57
N HIS A 31 -4.52 27.86 10.46
CA HIS A 31 -4.78 26.84 11.48
C HIS A 31 -4.44 27.39 12.87
N ILE A 32 -3.27 27.98 13.00
CA ILE A 32 -2.83 28.43 14.35
C ILE A 32 -3.82 29.48 14.83
N GLU A 33 -4.15 30.44 13.96
CA GLU A 33 -5.16 31.50 14.30
C GLU A 33 -6.52 30.93 14.65
N GLN A 34 -6.93 29.89 13.94
CA GLN A 34 -8.24 29.31 14.10
C GLN A 34 -8.46 28.36 15.32
N GLY A 35 -7.40 27.97 16.00
CA GLY A 35 -7.55 27.13 17.16
C GLY A 35 -7.10 25.66 16.95
N THR A 36 -6.54 25.37 15.79
CA THR A 36 -6.03 24.00 15.57
C THR A 36 -4.93 23.75 16.57
N ASN A 37 -4.94 22.54 17.15
CA ASN A 37 -3.99 22.24 18.21
C ASN A 37 -2.65 21.62 17.82
N SER A 38 -2.61 20.95 16.66
CA SER A 38 -1.37 20.38 16.15
C SER A 38 -1.53 20.13 14.62
N ILE A 39 -0.44 19.96 13.89
CA ILE A 39 -0.53 19.61 12.46
C ILE A 39 0.29 18.35 12.22
N VAL A 40 -0.30 17.41 11.47
CA VAL A 40 0.44 16.33 10.87
C VAL A 40 0.85 16.77 9.43
N ALA A 41 2.16 16.80 9.25
CA ALA A 41 2.80 17.16 7.98
C ALA A 41 3.00 15.88 7.18
N VAL A 42 2.71 15.97 5.88
CA VAL A 42 3.01 14.82 4.95
C VAL A 42 2.53 13.44 5.40
N GLY A 43 1.27 13.42 5.84
CA GLY A 43 0.48 12.21 6.17
C GLY A 43 -0.24 11.84 4.87
N THR A 44 -1.23 10.98 5.03
CA THR A 44 -2.02 10.45 3.91
C THR A 44 -2.72 11.64 3.21
N THR A 45 -3.25 12.55 4.03
CA THR A 45 -4.03 13.68 3.42
C THR A 45 -3.10 14.65 2.72
N GLY A 46 -1.85 14.64 3.16
CA GLY A 46 -0.76 15.46 2.61
C GLY A 46 -0.09 14.86 1.37
N GLU A 47 -0.64 13.76 0.81
CA GLU A 47 -0.01 13.07 -0.33
C GLU A 47 1.43 12.62 -0.14
N ALA A 48 1.73 12.07 1.04
CA ALA A 48 3.02 11.51 1.32
C ALA A 48 3.49 10.61 0.16
N SER A 49 2.55 9.84 -0.40
CA SER A 49 2.90 8.84 -1.41
C SER A 49 3.49 9.42 -2.66
N THR A 50 3.06 10.63 -3.02
CA THR A 50 3.51 11.21 -4.27
C THR A 50 4.52 12.31 -4.16
N LEU A 51 4.97 12.59 -2.95
CA LEU A 51 5.98 13.63 -2.74
C LEU A 51 7.34 12.90 -2.72
N SER A 52 8.37 13.52 -3.28
CA SER A 52 9.71 12.94 -3.22
C SER A 52 10.29 12.99 -1.81
N MET A 53 11.41 12.32 -1.60
CA MET A 53 12.10 12.45 -0.29
C MET A 53 12.53 13.86 0.11
N GLU A 54 13.07 14.60 -0.84
CA GLU A 54 13.41 15.99 -0.62
C GLU A 54 12.17 16.79 -0.33
N GLU A 55 11.06 16.57 -1.07
CA GLU A 55 9.83 17.31 -0.79
C GLU A 55 9.26 16.94 0.57
N HIS A 56 9.38 15.68 1.00
CA HIS A 56 8.86 15.30 2.35
C HIS A 56 9.62 16.21 3.40
N THR A 57 10.93 16.31 3.23
CA THR A 57 11.79 17.14 4.13
C THR A 57 11.45 18.62 4.02
N GLN A 58 11.33 19.17 2.81
CA GLN A 58 11.01 20.60 2.66
C GLN A 58 9.66 20.92 3.27
N VAL A 59 8.64 20.08 3.07
CA VAL A 59 7.30 20.39 3.59
C VAL A 59 7.33 20.38 5.13
N ILE A 60 8.06 19.41 5.68
CA ILE A 60 8.18 19.32 7.11
C ILE A 60 8.88 20.58 7.62
N LYS A 61 9.96 20.93 6.98
CA LYS A 61 10.72 22.04 7.43
C LYS A 61 9.95 23.34 7.35
N GLU A 62 9.20 23.50 6.26
CA GLU A 62 8.33 24.70 6.10
C GLU A 62 7.23 24.80 7.14
N ILE A 63 6.58 23.68 7.49
CA ILE A 63 5.47 23.74 8.48
C ILE A 63 6.07 24.11 9.84
N ILE A 64 7.21 23.48 10.15
CA ILE A 64 7.94 23.78 11.42
C ILE A 64 8.35 25.26 11.46
N ARG A 65 8.93 25.75 10.33
CA ARG A 65 9.40 27.16 10.26
C ARG A 65 8.24 28.09 10.51
N VAL A 66 7.14 27.90 9.78
CA VAL A 66 5.97 28.78 9.92
C VAL A 66 5.28 28.66 11.27
N ALA A 67 5.22 27.46 11.84
CA ALA A 67 4.46 27.28 13.11
C ALA A 67 5.23 28.00 14.26
N ASN A 68 6.53 28.06 14.11
CA ASN A 68 7.45 28.74 15.04
C ASN A 68 7.14 28.32 16.49
N LYS A 69 7.10 27.00 16.70
CA LYS A 69 6.82 26.37 18.01
C LYS A 69 5.51 26.74 18.71
N ARG A 70 4.55 27.36 18.02
CA ARG A 70 3.29 27.68 18.70
C ARG A 70 2.43 26.47 18.96
N ILE A 71 2.58 25.45 18.08
CA ILE A 71 1.79 24.17 18.23
C ILE A 71 2.71 23.03 17.82
N PRO A 72 2.51 21.84 18.39
CA PRO A 72 3.41 20.72 18.04
C PRO A 72 3.16 20.34 16.58
N ILE A 73 4.22 19.96 15.91
CA ILE A 73 4.13 19.49 14.51
C ILE A 73 4.51 17.97 14.53
N ILE A 74 3.66 17.13 13.95
CA ILE A 74 3.95 15.67 13.89
C ILE A 74 4.32 15.36 12.46
N ALA A 75 5.38 14.64 12.19
CA ALA A 75 5.77 14.39 10.82
C ALA A 75 5.23 12.98 10.44
N GLY A 76 4.49 12.85 9.31
CA GLY A 76 4.23 11.53 8.73
C GLY A 76 5.53 10.95 8.21
N THR A 77 5.92 9.79 8.73
CA THR A 77 7.18 9.14 8.35
C THR A 77 6.99 7.63 8.08
N GLY A 78 5.76 7.20 7.84
CA GLY A 78 5.58 5.78 7.56
C GLY A 78 6.10 5.29 6.20
N ALA A 79 6.39 4.02 6.18
CA ALA A 79 6.87 3.37 4.96
C ALA A 79 6.56 1.92 5.12
N ASN A 80 6.56 1.18 4.01
CA ASN A 80 6.30 -0.26 4.14
C ASN A 80 7.59 -1.07 4.23
N SER A 81 8.70 -0.35 4.39
CA SER A 81 9.98 -0.96 4.61
C SER A 81 10.46 -0.44 5.96
N THR A 82 10.94 -1.30 6.86
CA THR A 82 11.34 -0.87 8.19
C THR A 82 12.55 0.01 8.08
N ARG A 83 13.44 -0.34 7.15
CA ARG A 83 14.64 0.50 6.91
C ARG A 83 14.25 1.91 6.51
N GLU A 84 13.29 1.99 5.58
CA GLU A 84 12.95 3.32 5.02
C GLU A 84 12.23 4.08 6.14
N ALA A 85 11.41 3.38 6.94
CA ALA A 85 10.70 4.13 8.04
C ALA A 85 11.72 4.71 9.02
N ILE A 86 12.76 3.93 9.30
CA ILE A 86 13.77 4.43 10.29
C ILE A 86 14.40 5.69 9.67
N GLU A 87 14.75 5.66 8.37
CA GLU A 87 15.40 6.82 7.73
C GLU A 87 14.50 8.03 7.81
N LEU A 88 13.22 7.89 7.42
CA LEU A 88 12.28 9.05 7.42
C LEU A 88 12.07 9.56 8.84
N THR A 89 12.02 8.67 9.81
CA THR A 89 11.77 9.08 11.20
C THR A 89 12.99 9.84 11.78
N LYS A 90 14.16 9.30 11.52
CA LYS A 90 15.41 10.06 11.85
C LYS A 90 15.43 11.46 11.23
N ALA A 91 15.12 11.54 9.95
CA ALA A 91 15.06 12.85 9.32
C ALA A 91 14.05 13.80 10.01
N ALA A 92 12.87 13.30 10.37
CA ALA A 92 11.88 14.13 11.04
C ALA A 92 12.41 14.59 12.40
N LYS A 93 13.05 13.69 13.13
CA LYS A 93 13.65 14.10 14.45
C LYS A 93 14.66 15.22 14.23
N ASP A 94 15.48 15.02 13.24
CA ASP A 94 16.53 15.97 12.94
C ASP A 94 16.01 17.30 12.50
N LEU A 95 14.88 17.35 11.80
CA LEU A 95 14.29 18.61 11.42
C LEU A 95 13.58 19.28 12.55
N GLY A 96 13.43 18.61 13.68
CA GLY A 96 12.79 19.29 14.85
C GLY A 96 11.34 18.92 15.09
N ALA A 97 10.88 17.85 14.41
CA ALA A 97 9.48 17.46 14.56
C ALA A 97 9.24 17.07 16.03
N ASP A 98 8.05 17.33 16.53
CA ASP A 98 7.72 16.94 17.90
C ASP A 98 7.38 15.49 18.09
N ALA A 99 6.90 14.85 17.02
CA ALA A 99 6.49 13.44 17.05
C ALA A 99 6.48 12.96 15.60
N ALA A 100 6.34 11.64 15.42
CA ALA A 100 6.17 11.07 14.07
C ALA A 100 4.98 10.20 14.06
N LEU A 101 4.31 10.15 12.92
CA LEU A 101 3.07 9.38 12.73
C LEU A 101 3.42 8.31 11.68
N LEU A 102 3.25 7.02 12.03
CA LEU A 102 3.79 5.95 11.12
C LEU A 102 2.64 4.96 10.84
N VAL A 103 2.07 5.04 9.65
CA VAL A 103 1.10 4.05 9.24
C VAL A 103 1.72 2.65 9.20
N THR A 104 0.91 1.64 9.54
CA THR A 104 1.37 0.24 9.37
C THR A 104 1.89 0.08 7.93
N PRO A 105 2.95 -0.71 7.72
CA PRO A 105 3.31 -1.10 6.38
C PRO A 105 2.09 -1.55 5.56
N TYR A 106 1.97 -0.96 4.38
CA TYR A 106 0.85 -1.27 3.50
C TYR A 106 1.35 -2.14 2.38
N TYR A 107 0.38 -2.82 1.77
CA TYR A 107 0.61 -3.63 0.57
C TYR A 107 1.34 -4.95 0.83
N ASN A 108 2.40 -4.96 1.64
CA ASN A 108 3.16 -6.22 1.84
C ASN A 108 2.67 -7.05 3.02
N LYS A 109 1.66 -6.57 3.72
CA LYS A 109 0.92 -7.41 4.70
C LYS A 109 1.78 -8.20 5.74
N PRO A 110 2.57 -7.50 6.53
CA PRO A 110 3.31 -8.26 7.60
C PRO A 110 2.39 -8.96 8.60
N THR A 111 2.92 -9.98 9.30
CA THR A 111 2.18 -10.65 10.38
C THR A 111 2.05 -9.71 11.58
N GLN A 112 1.24 -10.05 12.58
CA GLN A 112 1.21 -9.18 13.81
C GLN A 112 2.59 -9.08 14.44
N GLU A 113 3.36 -10.19 14.51
CA GLU A 113 4.67 -10.11 15.06
C GLU A 113 5.61 -9.23 14.20
N GLY A 114 5.46 -9.27 12.86
CA GLY A 114 6.28 -8.41 12.03
C GLY A 114 5.92 -6.94 12.27
N LEU A 115 4.65 -6.63 12.47
CA LEU A 115 4.28 -5.23 12.82
C LEU A 115 4.92 -4.84 14.17
N TYR A 116 4.89 -5.78 15.10
CA TYR A 116 5.54 -5.50 16.42
C TYR A 116 7.03 -5.23 16.22
N GLN A 117 7.73 -6.10 15.50
CA GLN A 117 9.18 -5.88 15.25
C GLN A 117 9.48 -4.61 14.47
N HIS A 118 8.63 -4.30 13.45
CA HIS A 118 8.74 -3.07 12.66
C HIS A 118 8.76 -1.87 13.61
N TYR A 119 7.75 -1.75 14.45
CA TYR A 119 7.68 -0.51 15.25
C TYR A 119 8.69 -0.54 16.40
N LYS A 120 9.00 -1.75 16.91
CA LYS A 120 10.05 -1.86 17.93
C LYS A 120 11.39 -1.43 17.36
N ALA A 121 11.69 -1.82 16.11
CA ALA A 121 12.95 -1.46 15.50
C ALA A 121 13.05 0.10 15.29
N ILE A 122 11.93 0.70 14.93
CA ILE A 122 11.96 2.13 14.75
C ILE A 122 12.13 2.87 16.10
N ALA A 123 11.40 2.43 17.12
CA ALA A 123 11.43 3.06 18.45
C ALA A 123 12.83 2.98 19.05
N GLU A 124 13.49 1.86 18.79
CA GLU A 124 14.83 1.67 19.31
C GLU A 124 15.88 2.42 18.50
N ALA A 125 15.62 2.67 17.20
CA ALA A 125 16.58 3.36 16.35
C ALA A 125 16.47 4.89 16.53
N VAL A 126 15.30 5.40 16.91
CA VAL A 126 15.11 6.86 16.87
C VAL A 126 14.49 7.38 18.14
N GLU A 127 15.20 8.24 18.87
CA GLU A 127 14.61 8.68 20.14
C GLU A 127 13.64 9.86 19.84
N LEU A 128 12.39 9.55 19.53
CA LEU A 128 11.37 10.55 19.18
C LEU A 128 10.00 9.91 19.49
N PRO A 129 9.02 10.68 20.00
CA PRO A 129 7.64 10.18 20.24
C PRO A 129 6.99 9.62 18.93
N LEU A 130 6.60 8.33 18.93
CA LEU A 130 5.99 7.69 17.74
C LEU A 130 4.50 7.45 17.93
N ILE A 131 3.69 7.74 16.92
CA ILE A 131 2.28 7.45 17.00
C ILE A 131 2.06 6.41 15.90
N LEU A 132 1.64 5.20 16.30
CA LEU A 132 1.07 4.19 15.35
C LEU A 132 -0.18 4.68 14.59
N TYR A 133 -0.42 4.01 13.44
CA TYR A 133 -1.54 4.44 12.64
C TYR A 133 -2.12 3.25 11.91
N ASN A 134 -3.36 2.89 12.24
CA ASN A 134 -3.97 1.71 11.67
C ASN A 134 -5.16 2.13 10.81
N VAL A 135 -5.16 1.76 9.53
CA VAL A 135 -6.26 2.15 8.60
C VAL A 135 -6.34 0.94 7.62
N PRO A 136 -6.88 -0.18 8.11
CA PRO A 136 -6.80 -1.48 7.39
C PRO A 136 -7.40 -1.41 5.96
N GLY A 137 -8.38 -0.51 5.73
CA GLY A 137 -9.02 -0.44 4.39
C GLY A 137 -8.00 0.03 3.33
N ARG A 138 -7.04 0.87 3.72
CA ARG A 138 -5.99 1.32 2.77
C ARG A 138 -4.81 0.38 2.69
N THR A 139 -4.44 -0.26 3.83
CA THR A 139 -3.15 -0.89 3.88
C THR A 139 -3.17 -2.39 3.61
N GLY A 140 -4.35 -3.03 3.78
CA GLY A 140 -4.43 -4.52 3.66
C GLY A 140 -3.94 -5.25 4.91
N VAL A 141 -3.70 -4.52 5.97
CA VAL A 141 -3.38 -5.16 7.23
C VAL A 141 -4.06 -4.47 8.43
N ASP A 142 -4.40 -5.21 9.48
CA ASP A 142 -5.08 -4.63 10.59
C ASP A 142 -4.19 -4.87 11.83
N LEU A 143 -3.59 -3.81 12.38
CA LEU A 143 -2.86 -3.95 13.64
C LEU A 143 -3.88 -4.14 14.76
N SER A 144 -3.90 -5.33 15.36
CA SER A 144 -4.96 -5.64 16.30
C SER A 144 -4.78 -4.77 17.58
N ASN A 145 -5.87 -4.67 18.34
CA ASN A 145 -5.76 -4.04 19.67
C ASN A 145 -4.74 -4.78 20.51
N ASP A 146 -4.71 -6.12 20.45
CA ASP A 146 -3.65 -6.83 21.26
C ASP A 146 -2.23 -6.38 20.90
N THR A 147 -1.95 -6.26 19.59
CA THR A 147 -0.62 -5.85 19.18
C THR A 147 -0.33 -4.38 19.61
N ALA A 148 -1.32 -3.52 19.40
CA ALA A 148 -1.20 -2.16 19.91
C ALA A 148 -0.88 -2.08 21.40
N VAL A 149 -1.60 -2.86 22.20
CA VAL A 149 -1.30 -2.95 23.63
C VAL A 149 0.10 -3.41 23.97
N ARG A 150 0.66 -4.41 23.23
CA ARG A 150 2.06 -4.79 23.44
C ARG A 150 2.94 -3.62 23.12
N LEU A 151 2.61 -2.92 22.02
CA LEU A 151 3.54 -1.88 21.56
C LEU A 151 3.59 -0.68 22.48
N ALA A 152 2.51 -0.50 23.22
CA ALA A 152 2.42 0.66 24.12
C ALA A 152 3.40 0.49 25.25
N GLU A 153 3.88 -0.74 25.41
CA GLU A 153 4.93 -0.99 26.46
C GLU A 153 6.28 -0.45 26.03
N ILE A 154 6.47 -0.22 24.72
CA ILE A 154 7.76 0.18 24.18
C ILE A 154 7.96 1.71 24.37
N PRO A 155 9.09 2.13 24.91
CA PRO A 155 9.18 3.54 25.49
C PRO A 155 8.57 4.92 24.84
N ASN A 156 9.07 5.13 23.64
CA ASN A 156 8.80 6.18 22.69
C ASN A 156 7.63 5.84 21.81
N ILE A 157 6.91 4.76 22.11
CA ILE A 157 5.57 4.59 21.48
C ILE A 157 4.52 5.23 22.33
N VAL A 158 3.99 6.38 21.87
CA VAL A 158 3.21 7.22 22.73
C VAL A 158 1.76 7.32 22.31
N GLY A 159 1.41 6.72 21.16
CA GLY A 159 0.01 6.68 20.86
C GLY A 159 -0.33 5.91 19.60
N ILE A 160 -1.62 5.90 19.30
CA ILE A 160 -2.10 5.30 18.05
C ILE A 160 -3.25 6.09 17.43
N LYS A 161 -3.21 6.23 16.09
CA LYS A 161 -4.35 6.81 15.35
C LYS A 161 -5.13 5.60 14.86
N ASP A 162 -6.36 5.45 15.37
CA ASP A 162 -7.25 4.36 15.08
C ASP A 162 -8.26 4.90 14.06
N ALA A 163 -8.04 4.57 12.79
CA ALA A 163 -8.96 4.98 11.74
C ALA A 163 -9.99 3.91 11.37
N THR A 164 -10.20 2.90 12.24
CA THR A 164 -11.19 1.90 11.88
C THR A 164 -12.62 2.47 11.81
N GLY A 165 -12.90 3.55 12.55
CA GLY A 165 -14.29 4.03 12.75
C GLY A 165 -15.19 3.09 13.54
N ASP A 166 -14.59 2.08 14.17
CA ASP A 166 -15.34 1.07 14.91
C ASP A 166 -15.26 1.44 16.38
N VAL A 167 -16.32 2.09 16.89
CA VAL A 167 -16.26 2.78 18.20
C VAL A 167 -16.14 1.76 19.35
N PRO A 168 -16.92 0.66 19.30
CA PRO A 168 -16.73 -0.30 20.40
C PRO A 168 -15.31 -0.87 20.45
N ARG A 169 -14.68 -1.11 19.32
CA ARG A 169 -13.30 -1.58 19.30
C ARG A 169 -12.33 -0.52 19.82
N GLY A 170 -12.60 0.77 19.48
CA GLY A 170 -11.72 1.83 19.94
C GLY A 170 -11.87 2.03 21.43
N LYS A 171 -13.10 1.85 21.92
CA LYS A 171 -13.34 1.96 23.36
C LYS A 171 -12.60 0.81 24.08
N ALA A 172 -12.65 -0.39 23.51
CA ALA A 172 -12.01 -1.58 24.12
C ALA A 172 -10.50 -1.31 24.19
N LEU A 173 -9.96 -0.69 23.11
CA LEU A 173 -8.52 -0.35 23.08
C LEU A 173 -8.16 0.67 24.14
N ILE A 174 -8.97 1.74 24.29
CA ILE A 174 -8.72 2.76 25.31
C ILE A 174 -8.74 2.08 26.69
N ASP A 175 -9.79 1.28 26.93
CA ASP A 175 -9.96 0.58 28.22
C ASP A 175 -8.78 -0.35 28.53
N ALA A 176 -8.35 -1.15 27.55
CA ALA A 176 -7.20 -2.05 27.74
C ALA A 176 -5.90 -1.32 28.00
N LEU A 177 -5.69 -0.17 27.36
CA LEU A 177 -4.43 0.58 27.55
C LEU A 177 -4.37 1.21 28.92
N ASN A 178 -5.54 1.60 29.45
CA ASN A 178 -5.58 2.29 30.79
C ASN A 178 -4.53 3.42 30.88
N GLY A 179 -4.48 4.30 29.86
CA GLY A 179 -3.52 5.40 29.91
C GLY A 179 -2.10 5.14 29.45
N LYS A 180 -1.73 3.89 29.09
CA LYS A 180 -0.34 3.59 28.79
C LYS A 180 0.16 4.32 27.53
N MET A 181 -0.73 4.49 26.54
CA MET A 181 -0.47 5.48 25.45
C MET A 181 -1.80 6.08 25.00
N ALA A 182 -1.70 7.13 24.15
CA ALA A 182 -2.89 7.90 23.74
C ALA A 182 -3.64 7.18 22.63
N VAL A 183 -4.93 7.42 22.49
CA VAL A 183 -5.64 7.01 21.29
C VAL A 183 -6.17 8.23 20.62
N TYR A 184 -5.95 8.32 19.30
CA TYR A 184 -6.51 9.40 18.49
C TYR A 184 -7.46 8.84 17.51
N SER A 185 -8.59 9.50 17.29
CA SER A 185 -9.49 9.06 16.24
C SER A 185 -8.81 9.37 14.90
N GLY A 186 -8.97 8.44 13.96
CA GLY A 186 -8.69 8.70 12.54
C GLY A 186 -9.98 8.67 11.70
N ASP A 187 -11.16 8.87 12.30
CA ASP A 187 -12.42 8.75 11.58
C ASP A 187 -13.29 9.95 12.00
N ASP A 188 -13.29 11.04 11.21
CA ASP A 188 -14.05 12.25 11.57
C ASP A 188 -15.46 11.97 11.94
N GLU A 189 -16.11 11.00 11.25
CA GLU A 189 -17.52 10.74 11.49
C GLU A 189 -17.76 10.34 12.98
N THR A 190 -16.84 9.57 13.55
CA THR A 190 -17.04 9.01 14.92
C THR A 190 -16.12 9.67 15.91
N ALA A 191 -15.28 10.59 15.46
CA ALA A 191 -14.24 11.10 16.35
C ALA A 191 -14.84 11.68 17.67
N TRP A 192 -15.88 12.50 17.58
CA TRP A 192 -16.51 13.07 18.80
C TRP A 192 -16.86 11.99 19.83
N GLU A 193 -17.43 10.87 19.34
CA GLU A 193 -17.78 9.69 20.15
C GLU A 193 -16.56 9.12 20.81
N LEU A 194 -15.49 8.90 20.02
CA LEU A 194 -14.29 8.25 20.57
C LEU A 194 -13.63 9.17 21.59
N MET A 195 -13.69 10.50 21.39
CA MET A 195 -13.07 11.39 22.39
C MET A 195 -13.90 11.42 23.68
N LEU A 196 -15.22 11.41 23.57
CA LEU A 196 -16.08 11.26 24.77
C LEU A 196 -15.74 9.99 25.55
N LEU A 197 -15.31 8.94 24.83
CA LEU A 197 -14.91 7.70 25.46
C LEU A 197 -13.48 7.67 25.89
N GLY A 198 -12.73 8.76 25.75
CA GLY A 198 -11.37 8.73 26.23
C GLY A 198 -10.17 8.96 25.25
N ALA A 199 -10.44 9.12 23.97
CA ALA A 199 -9.43 9.45 22.98
C ALA A 199 -8.90 10.84 23.29
N ASP A 200 -7.63 11.02 23.04
CA ASP A 200 -6.96 12.30 23.30
C ASP A 200 -7.13 13.33 22.20
N GLY A 201 -7.75 12.95 21.09
CA GLY A 201 -7.99 13.96 20.04
C GLY A 201 -8.37 13.28 18.74
N ASN A 202 -8.30 14.05 17.64
CA ASN A 202 -8.86 13.61 16.35
C ASN A 202 -7.84 14.03 15.33
N ILE A 203 -7.26 13.08 14.61
CA ILE A 203 -6.29 13.47 13.62
C ILE A 203 -7.18 13.53 12.36
N SER A 204 -7.52 14.77 11.98
CA SER A 204 -8.76 15.10 11.29
C SER A 204 -8.55 15.60 9.86
N VAL A 205 -9.37 15.08 8.98
CA VAL A 205 -9.51 15.65 7.65
C VAL A 205 -10.43 16.87 7.67
N THR A 206 -11.60 16.77 8.32
CA THR A 206 -12.52 17.90 8.33
C THR A 206 -11.91 19.14 8.89
N ALA A 207 -10.98 18.99 9.84
CA ALA A 207 -10.28 20.17 10.37
C ALA A 207 -9.56 21.03 9.27
N ASN A 208 -9.35 20.47 8.08
CA ASN A 208 -8.71 21.25 7.03
C ASN A 208 -9.62 22.41 6.61
N ILE A 209 -10.90 22.21 6.73
CA ILE A 209 -11.82 23.24 6.23
C ILE A 209 -12.66 23.90 7.30
N ALA A 210 -12.82 23.23 8.49
CA ALA A 210 -13.52 23.82 9.61
C ALA A 210 -12.57 23.74 10.84
N PRO A 211 -11.39 24.36 10.76
CA PRO A 211 -10.49 24.15 11.90
C PRO A 211 -11.04 24.71 13.21
N LYS A 212 -11.71 25.87 13.19
CA LYS A 212 -12.32 26.38 14.45
C LYS A 212 -13.40 25.44 15.04
N ALA A 213 -14.40 25.08 14.24
CA ALA A 213 -15.43 24.18 14.72
C ALA A 213 -14.86 22.85 15.19
N MET A 214 -13.86 22.29 14.50
CA MET A 214 -13.38 20.98 14.97
C MET A 214 -12.52 21.17 16.25
N SER A 215 -11.79 22.27 16.35
CA SER A 215 -11.05 22.58 17.61
C SER A 215 -12.06 22.55 18.78
N GLU A 216 -13.20 23.15 18.58
CA GLU A 216 -14.23 23.25 19.65
C GLU A 216 -14.90 21.92 19.93
N VAL A 217 -15.23 21.17 18.87
CA VAL A 217 -15.69 19.78 19.05
C VAL A 217 -14.68 18.97 19.85
N CYS A 218 -13.38 19.00 19.54
CA CYS A 218 -12.46 18.17 20.30
C CYS A 218 -12.41 18.63 21.76
N ALA A 219 -12.45 19.95 21.97
CA ALA A 219 -12.24 20.43 23.33
C ALA A 219 -13.43 20.01 24.20
N VAL A 220 -14.67 20.13 23.72
CA VAL A 220 -15.81 19.80 24.60
C VAL A 220 -15.93 18.28 24.76
N ALA A 221 -15.48 17.52 23.73
CA ALA A 221 -15.58 16.08 23.79
C ALA A 221 -14.54 15.54 24.71
N ILE A 222 -13.32 16.06 24.63
CA ILE A 222 -12.28 15.69 25.64
C ILE A 222 -12.74 16.05 27.08
N ALA A 223 -13.45 17.17 27.21
CA ALA A 223 -14.02 17.61 28.55
C ALA A 223 -15.13 16.71 29.02
N LYS A 224 -15.55 15.75 28.19
CA LYS A 224 -16.66 14.83 28.47
C LYS A 224 -18.04 15.47 28.54
N ASP A 225 -18.22 16.57 27.78
CA ASP A 225 -19.51 17.20 27.72
C ASP A 225 -20.27 16.60 26.48
N GLU A 226 -21.11 15.60 26.74
CA GLU A 226 -21.69 14.81 25.70
C GLU A 226 -22.70 15.63 24.90
N GLN A 227 -23.49 16.44 25.59
CA GLN A 227 -24.46 17.30 24.91
C GLN A 227 -23.80 18.30 23.98
N GLN A 228 -22.81 19.05 24.48
CA GLN A 228 -22.12 20.06 23.63
C GLN A 228 -21.32 19.38 22.49
N ALA A 229 -20.71 18.22 22.76
CA ALA A 229 -19.99 17.48 21.72
C ALA A 229 -20.94 17.14 20.57
N LYS A 230 -22.08 16.55 20.90
CA LYS A 230 -23.09 16.19 19.90
C LYS A 230 -23.59 17.42 19.11
N THR A 231 -23.93 18.49 19.84
CA THR A 231 -24.43 19.71 19.23
C THR A 231 -23.39 20.28 18.28
N LEU A 232 -22.17 20.37 18.77
CA LEU A 232 -21.18 21.03 17.96
C LEU A 232 -20.86 20.13 16.73
N ASN A 233 -20.78 18.83 16.94
CA ASN A 233 -20.45 17.92 15.82
C ASN A 233 -21.55 17.88 14.77
N ASN A 234 -22.82 17.87 15.20
CA ASN A 234 -23.93 18.03 14.22
C ASN A 234 -23.75 19.13 13.17
N LYS A 235 -23.17 20.26 13.55
CA LYS A 235 -23.07 21.37 12.57
C LYS A 235 -22.11 21.02 11.45
N ILE A 236 -21.18 20.10 11.71
CA ILE A 236 -20.17 19.77 10.70
C ILE A 236 -20.29 18.29 10.28
N ALA A 237 -21.35 17.59 10.72
CA ALA A 237 -21.47 16.13 10.49
C ALA A 237 -21.55 15.80 8.96
N ASN A 238 -22.32 16.59 8.21
CA ASN A 238 -22.34 16.36 6.77
C ASN A 238 -20.98 16.60 6.07
N LEU A 239 -20.12 17.43 6.63
CA LEU A 239 -18.79 17.64 6.03
C LEU A 239 -18.00 16.32 6.19
N HIS A 240 -18.08 15.68 7.38
CA HIS A 240 -17.36 14.40 7.56
C HIS A 240 -17.73 13.40 6.49
N ASN A 241 -18.99 13.41 6.05
CA ASN A 241 -19.42 12.46 5.00
C ASN A 241 -18.97 12.86 3.59
N ILE A 242 -19.17 14.12 3.23
CA ILE A 242 -18.91 14.59 1.87
C ILE A 242 -17.41 14.61 1.55
N LEU A 243 -16.56 14.75 2.58
CA LEU A 243 -15.13 14.78 2.30
C LEU A 243 -14.52 13.41 1.94
N PHE A 244 -15.38 12.37 1.92
CA PHE A 244 -14.99 11.02 1.49
C PHE A 244 -15.82 10.49 0.29
N CYS A 245 -16.49 11.38 -0.44
CA CYS A 245 -17.28 10.89 -1.60
C CYS A 245 -16.35 10.35 -2.75
N GLU A 246 -15.09 10.78 -2.76
CA GLU A 246 -13.98 10.08 -3.46
C GLU A 246 -12.85 10.02 -2.45
N SER A 247 -11.84 9.18 -2.70
CA SER A 247 -10.80 8.94 -1.69
C SER A 247 -10.21 10.25 -1.20
N ASN A 248 -10.11 10.40 0.11
CA ASN A 248 -9.38 11.51 0.70
C ASN A 248 -7.90 11.38 0.19
N PRO A 249 -7.25 12.49 -0.19
CA PRO A 249 -7.65 13.91 0.01
C PRO A 249 -8.32 14.57 -1.21
N ILE A 250 -8.80 13.77 -2.17
CA ILE A 250 -9.47 14.33 -3.36
C ILE A 250 -10.58 15.41 -2.99
N PRO A 251 -11.56 15.04 -2.16
CA PRO A 251 -12.61 16.02 -1.86
C PRO A 251 -12.11 17.18 -1.04
N VAL A 252 -11.25 16.90 -0.05
CA VAL A 252 -10.78 18.03 0.76
C VAL A 252 -9.95 19.04 0.01
N LYS A 253 -9.10 18.59 -0.92
CA LYS A 253 -8.40 19.57 -1.68
C LYS A 253 -9.34 20.43 -2.50
N TRP A 254 -10.39 19.81 -3.02
CA TRP A 254 -11.35 20.55 -3.87
C TRP A 254 -12.05 21.58 -2.99
N ALA A 255 -12.41 21.16 -1.78
CA ALA A 255 -13.04 22.08 -0.89
C ALA A 255 -12.19 23.29 -0.61
N LEU A 256 -10.89 23.10 -0.32
CA LEU A 256 -10.00 24.21 -0.01
C LEU A 256 -9.84 25.09 -1.24
N HIS A 257 -9.89 24.45 -2.42
CA HIS A 257 -9.94 25.28 -3.62
C HIS A 257 -11.22 26.21 -3.76
N GLU A 258 -12.40 25.67 -3.50
CA GLU A 258 -13.65 26.43 -3.50
C GLU A 258 -13.62 27.51 -2.44
N MET A 259 -12.88 27.28 -1.37
CA MET A 259 -12.69 28.30 -0.33
C MET A 259 -11.67 29.40 -0.71
N GLY A 260 -10.99 29.28 -1.85
CA GLY A 260 -10.04 30.26 -2.32
C GLY A 260 -8.70 30.17 -1.67
N LEU A 261 -8.41 29.03 -1.05
CA LEU A 261 -7.18 28.87 -0.26
C LEU A 261 -6.06 28.07 -0.93
N ILE A 262 -6.39 27.20 -1.87
CA ILE A 262 -5.35 26.50 -2.64
C ILE A 262 -5.81 26.39 -4.08
N ASP A 263 -4.86 26.06 -4.92
CA ASP A 263 -5.07 25.81 -6.37
C ASP A 263 -5.44 24.36 -6.53
N THR A 264 -5.71 23.92 -7.76
CA THR A 264 -6.33 22.60 -7.99
C THR A 264 -5.31 21.45 -8.08
N GLY A 265 -4.03 21.73 -7.88
CA GLY A 265 -2.98 20.71 -8.12
C GLY A 265 -3.11 19.50 -7.21
N ILE A 266 -2.86 18.30 -7.77
CA ILE A 266 -3.00 17.04 -6.97
C ILE A 266 -2.30 15.98 -7.86
N ARG A 267 -1.57 15.01 -7.29
CA ARG A 267 -0.62 14.26 -8.15
C ARG A 267 -1.15 12.88 -8.51
N LEU A 268 -1.02 12.53 -9.81
CA LEU A 268 -1.39 11.19 -10.22
C LEU A 268 -0.66 10.13 -9.31
N PRO A 269 -1.39 9.08 -8.90
CA PRO A 269 -2.68 8.63 -9.45
C PRO A 269 -3.95 9.26 -8.87
N LEU A 270 -3.85 10.19 -7.93
CA LEU A 270 -5.03 10.94 -7.53
C LEU A 270 -5.37 11.97 -8.63
N THR A 271 -6.63 12.36 -8.62
CA THR A 271 -7.18 13.24 -9.65
C THR A 271 -8.03 14.31 -8.97
N PRO A 272 -8.26 15.41 -9.69
CA PRO A 272 -9.10 16.41 -9.09
C PRO A 272 -10.53 15.92 -8.91
N LEU A 273 -11.21 16.39 -7.88
CA LEU A 273 -12.56 15.81 -7.56
C LEU A 273 -13.44 15.76 -8.87
N ALA A 274 -14.06 14.61 -9.13
CA ALA A 274 -14.90 14.51 -10.36
C ALA A 274 -15.99 15.59 -10.36
N GLU A 275 -16.26 16.11 -11.57
CA GLU A 275 -17.24 17.22 -11.73
C GLU A 275 -18.55 16.96 -11.04
N GLN A 276 -19.07 15.75 -11.16
CA GLN A 276 -20.37 15.42 -10.57
C GLN A 276 -20.49 15.67 -9.03
N TYR A 277 -19.35 15.81 -8.35
CA TYR A 277 -19.40 15.95 -6.91
C TYR A 277 -19.17 17.38 -6.49
N ARG A 278 -18.85 18.26 -7.43
CA ARG A 278 -18.43 19.63 -7.13
C ARG A 278 -19.57 20.55 -6.65
N GLU A 279 -20.67 20.62 -7.40
CA GLU A 279 -21.87 21.30 -6.89
C GLU A 279 -22.36 20.80 -5.49
N PRO A 280 -22.54 19.47 -5.27
CA PRO A 280 -22.93 19.05 -3.92
C PRO A 280 -21.91 19.49 -2.87
N LEU A 281 -20.62 19.39 -3.16
CA LEU A 281 -19.61 19.83 -2.23
C LEU A 281 -19.81 21.29 -1.88
N ARG A 282 -19.96 22.09 -2.93
CA ARG A 282 -20.11 23.55 -2.77
C ARG A 282 -21.33 23.91 -1.94
N ASN A 283 -22.37 23.08 -2.02
CA ASN A 283 -23.64 23.32 -1.30
C ASN A 283 -23.45 22.99 0.17
N ALA A 284 -22.76 21.86 0.44
CA ALA A 284 -22.39 21.44 1.78
C ALA A 284 -21.55 22.50 2.46
N LEU A 285 -20.62 23.12 1.72
CA LEU A 285 -19.80 24.17 2.29
C LEU A 285 -20.64 25.43 2.61
N LYS A 286 -21.53 25.78 1.68
CA LYS A 286 -22.50 26.89 1.91
C LYS A 286 -23.39 26.59 3.11
N ASP A 287 -23.97 25.40 3.16
CA ASP A 287 -24.79 24.95 4.32
C ASP A 287 -24.08 25.04 5.65
N ALA A 288 -22.80 24.74 5.68
CA ALA A 288 -22.01 24.83 6.93
C ALA A 288 -21.47 26.21 7.21
N GLY A 289 -21.78 27.18 6.36
CA GLY A 289 -21.31 28.56 6.48
C GLY A 289 -19.84 28.75 6.20
N ILE A 290 -19.20 27.73 5.63
CA ILE A 290 -17.77 27.85 5.29
C ILE A 290 -17.52 28.76 4.09
N ILE A 291 -18.37 28.70 3.07
CA ILE A 291 -18.30 29.71 1.98
C ILE A 291 -19.67 30.40 1.86
N THR B 1 1.67 -12.31 -26.01
CA THR B 1 2.80 -13.12 -26.41
C THR B 1 3.20 -13.90 -25.16
N ILE B 2 3.56 -13.36 -23.98
CA ILE B 2 4.17 -14.26 -22.93
C ILE B 2 3.12 -15.26 -22.36
N GLN B 3 3.39 -16.56 -22.48
CA GLN B 3 2.40 -17.56 -22.05
C GLN B 3 3.02 -18.64 -21.18
N GLY B 4 2.17 -19.22 -20.35
CA GLY B 4 2.50 -20.50 -19.70
C GLY B 4 2.76 -20.20 -18.23
N SER B 5 3.70 -20.87 -17.60
CA SER B 5 3.99 -20.70 -16.18
C SER B 5 5.07 -19.62 -15.98
N ILE B 6 4.65 -18.54 -15.33
CA ILE B 6 5.48 -17.34 -15.16
C ILE B 6 5.75 -17.26 -13.66
N VAL B 7 6.96 -17.59 -13.20
CA VAL B 7 7.16 -17.62 -11.72
C VAL B 7 7.31 -16.18 -11.15
N ALA B 8 6.56 -15.84 -10.11
CA ALA B 8 6.79 -14.64 -9.33
C ALA B 8 7.97 -14.95 -8.42
N ILE B 9 9.19 -14.68 -8.90
CA ILE B 9 10.38 -15.28 -8.21
C ILE B 9 10.68 -14.53 -6.88
N VAL B 10 11.04 -15.28 -5.83
CA VAL B 10 11.55 -14.69 -4.60
C VAL B 10 12.88 -14.01 -4.88
N THR B 11 13.30 -13.13 -3.96
CA THR B 11 14.65 -12.57 -4.04
C THR B 11 15.43 -13.22 -2.89
N PRO B 12 16.25 -14.26 -3.21
CA PRO B 12 17.02 -14.97 -2.13
C PRO B 12 17.88 -13.94 -1.36
N MET B 13 17.92 -14.07 -0.03
CA MET B 13 18.72 -13.18 0.82
C MET B 13 19.53 -13.98 1.83
N LEU B 14 20.73 -13.47 2.11
CA LEU B 14 21.60 -14.00 3.18
C LEU B 14 20.93 -13.67 4.50
N LYS B 15 21.42 -14.25 5.59
CA LYS B 15 20.78 -14.06 6.92
C LYS B 15 20.68 -12.62 7.31
N ASP B 16 21.63 -11.79 6.91
CA ASP B 16 21.58 -10.35 7.31
C ASP B 16 20.68 -9.55 6.41
N GLY B 17 20.07 -10.19 5.42
CA GLY B 17 19.14 -9.46 4.55
C GLY B 17 19.74 -9.12 3.21
N GLY B 18 21.06 -9.20 3.06
CA GLY B 18 21.72 -8.84 1.77
C GLY B 18 21.17 -9.81 0.72
N VAL B 19 21.06 -9.35 -0.53
CA VAL B 19 20.67 -10.21 -1.69
C VAL B 19 21.73 -11.28 -1.87
N ASP B 20 21.25 -12.50 -1.98
CA ASP B 20 22.08 -13.64 -2.16
C ASP B 20 22.19 -13.96 -3.67
N TRP B 21 23.22 -13.38 -4.29
CA TRP B 21 23.39 -13.38 -5.75
C TRP B 21 23.69 -14.77 -6.24
N LYS B 22 24.53 -15.51 -5.50
CA LYS B 22 24.80 -16.90 -5.89
C LYS B 22 23.56 -17.78 -5.94
N SER B 23 22.72 -17.72 -4.89
CA SER B 23 21.50 -18.49 -4.87
C SER B 23 20.51 -18.05 -5.96
N LEU B 24 20.40 -16.75 -6.16
CA LEU B 24 19.53 -16.28 -7.21
C LEU B 24 19.95 -16.89 -8.55
N GLU B 25 21.23 -16.82 -8.86
CA GLU B 25 21.68 -17.29 -10.20
C GLU B 25 21.34 -18.76 -10.36
N LYS B 26 21.57 -19.54 -9.32
CA LYS B 26 21.18 -20.92 -9.29
C LYS B 26 19.69 -21.14 -9.43
N LEU B 27 18.86 -20.28 -8.81
CA LEU B 27 17.43 -20.47 -8.92
C LEU B 27 16.94 -20.18 -10.31
N VAL B 28 17.52 -19.18 -10.96
CA VAL B 28 17.06 -18.86 -12.31
C VAL B 28 17.42 -20.03 -13.22
N GLU B 29 18.67 -20.53 -13.10
CA GLU B 29 19.07 -21.70 -13.89
C GLU B 29 18.07 -22.89 -13.68
N TRP B 30 17.71 -23.14 -12.44
CA TRP B 30 16.85 -24.27 -12.12
C TRP B 30 15.51 -24.05 -12.79
N HIS B 31 14.97 -22.81 -12.72
CA HIS B 31 13.66 -22.57 -13.35
C HIS B 31 13.74 -22.86 -14.82
N ILE B 32 14.81 -22.40 -15.45
CA ILE B 32 14.93 -22.62 -16.92
C ILE B 32 14.96 -24.14 -17.24
N GLU B 33 15.78 -24.89 -16.50
CA GLU B 33 15.89 -26.38 -16.68
C GLU B 33 14.60 -27.09 -16.37
N GLN B 34 13.78 -26.58 -15.44
CA GLN B 34 12.57 -27.33 -15.03
C GLN B 34 11.39 -27.03 -15.84
N GLY B 35 11.43 -25.96 -16.66
CA GLY B 35 10.29 -25.71 -17.60
C GLY B 35 9.55 -24.39 -17.38
N THR B 36 10.00 -23.59 -16.42
CA THR B 36 9.31 -22.26 -16.20
C THR B 36 9.43 -21.45 -17.47
N ASN B 37 8.37 -20.79 -17.87
CA ASN B 37 8.32 -20.12 -19.17
C ASN B 37 8.77 -18.69 -19.15
N SER B 38 8.67 -18.08 -17.98
CA SER B 38 9.05 -16.69 -17.82
C SER B 38 9.24 -16.41 -16.34
N ILE B 39 9.94 -15.32 -16.02
CA ILE B 39 10.19 -14.96 -14.62
C ILE B 39 9.75 -13.50 -14.47
N VAL B 40 9.02 -13.22 -13.39
CA VAL B 40 8.75 -11.83 -12.94
C VAL B 40 9.85 -11.57 -11.87
N ALA B 41 10.72 -10.63 -12.19
CA ALA B 41 11.74 -10.18 -11.24
C ALA B 41 11.17 -9.06 -10.33
N VAL B 42 11.59 -9.06 -9.07
CA VAL B 42 11.20 -8.02 -8.10
C VAL B 42 9.67 -7.60 -8.14
N GLY B 43 8.74 -8.57 -8.17
CA GLY B 43 7.30 -8.26 -7.87
C GLY B 43 7.13 -8.45 -6.37
N THR B 44 5.88 -8.67 -5.94
CA THR B 44 5.50 -8.77 -4.49
C THR B 44 6.25 -9.95 -3.84
N THR B 45 6.32 -11.05 -4.59
CA THR B 45 6.92 -12.29 -4.03
C THR B 45 8.44 -12.09 -3.93
N GLY B 46 8.94 -11.16 -4.76
CA GLY B 46 10.38 -10.81 -4.76
C GLY B 46 10.73 -9.61 -3.84
N GLU B 47 9.81 -9.28 -2.92
CA GLU B 47 9.97 -8.25 -1.94
C GLU B 47 10.36 -6.92 -2.52
N ALA B 48 9.64 -6.51 -3.57
CA ALA B 48 9.89 -5.21 -4.20
C ALA B 48 9.87 -4.11 -3.12
N SER B 49 8.93 -4.23 -2.17
CA SER B 49 8.76 -3.20 -1.15
C SER B 49 10.03 -2.85 -0.32
N THR B 50 10.91 -3.80 -0.08
CA THR B 50 12.02 -3.58 0.86
C THR B 50 13.40 -3.62 0.19
N LEU B 51 13.42 -3.77 -1.14
CA LEU B 51 14.61 -3.59 -1.94
C LEU B 51 14.69 -2.10 -2.32
N SER B 52 15.90 -1.54 -2.26
CA SER B 52 16.14 -0.17 -2.73
C SER B 52 16.03 -0.09 -4.26
N MET B 53 15.93 1.13 -4.80
CA MET B 53 15.91 1.30 -6.25
C MET B 53 17.13 0.64 -6.93
N GLU B 54 18.31 0.71 -6.32
CA GLU B 54 19.53 0.13 -6.89
C GLU B 54 19.46 -1.38 -6.83
N GLU B 55 18.93 -1.90 -5.70
CA GLU B 55 18.69 -3.34 -5.57
C GLU B 55 17.64 -3.86 -6.61
N HIS B 56 16.54 -3.13 -6.86
CA HIS B 56 15.59 -3.47 -7.99
C HIS B 56 16.39 -3.60 -9.29
N THR B 57 17.22 -2.61 -9.59
CA THR B 57 17.91 -2.56 -10.88
C THR B 57 18.83 -3.78 -10.93
N GLN B 58 19.59 -4.00 -9.87
CA GLN B 58 20.55 -5.09 -9.86
C GLN B 58 19.89 -6.49 -9.99
N VAL B 59 18.78 -6.70 -9.27
CA VAL B 59 18.09 -8.02 -9.33
C VAL B 59 17.55 -8.23 -10.75
N ILE B 60 16.94 -7.20 -11.33
CA ILE B 60 16.47 -7.36 -12.72
C ILE B 60 17.63 -7.65 -13.67
N LYS B 61 18.72 -6.87 -13.52
CA LYS B 61 19.95 -7.03 -14.32
C LYS B 61 20.50 -8.45 -14.21
N GLU B 62 20.57 -8.98 -12.99
CA GLU B 62 21.13 -10.32 -12.82
C GLU B 62 20.26 -11.41 -13.39
N ILE B 63 18.94 -11.30 -13.18
CA ILE B 63 18.05 -12.30 -13.74
C ILE B 63 18.12 -12.32 -15.27
N ILE B 64 18.09 -11.15 -15.90
CA ILE B 64 18.28 -11.05 -17.36
C ILE B 64 19.62 -11.64 -17.82
N ARG B 65 20.68 -11.30 -17.09
CA ARG B 65 21.99 -11.86 -17.40
C ARG B 65 22.02 -13.37 -17.37
N VAL B 66 21.62 -13.99 -16.25
CA VAL B 66 21.60 -15.44 -16.15
C VAL B 66 20.65 -16.08 -17.17
N ALA B 67 19.48 -15.49 -17.40
CA ALA B 67 18.51 -16.10 -18.34
C ALA B 67 19.11 -16.16 -19.76
N ASN B 68 19.85 -15.12 -20.14
CA ASN B 68 20.64 -15.11 -21.39
C ASN B 68 19.72 -15.37 -22.56
N LYS B 69 18.62 -14.64 -22.60
CA LYS B 69 17.63 -14.72 -23.67
C LYS B 69 16.83 -16.02 -23.81
N ARG B 70 16.98 -16.96 -22.90
CA ARG B 70 16.27 -18.27 -23.02
C ARG B 70 14.77 -18.19 -22.75
N ILE B 71 14.36 -17.33 -21.81
CA ILE B 71 12.96 -17.05 -21.55
C ILE B 71 12.75 -15.53 -21.37
N PRO B 72 11.56 -15.04 -21.63
CA PRO B 72 11.31 -13.58 -21.36
C PRO B 72 11.36 -13.27 -19.85
N ILE B 73 11.86 -12.09 -19.50
CA ILE B 73 11.89 -11.64 -18.13
C ILE B 73 10.96 -10.38 -18.00
N ILE B 74 10.07 -10.41 -16.99
CA ILE B 74 9.11 -9.35 -16.78
C ILE B 74 9.62 -8.66 -15.52
N ALA B 75 9.76 -7.33 -15.57
CA ALA B 75 10.19 -6.62 -14.38
C ALA B 75 9.01 -6.06 -13.62
N GLY B 76 8.98 -6.25 -12.28
CA GLY B 76 7.94 -5.60 -11.46
C GLY B 76 8.40 -4.14 -11.30
N THR B 77 7.52 -3.21 -11.72
CA THR B 77 7.88 -1.78 -11.71
C THR B 77 6.76 -0.94 -11.15
N GLY B 78 5.84 -1.58 -10.44
CA GLY B 78 4.72 -0.80 -9.82
C GLY B 78 5.13 0.15 -8.72
N ALA B 79 4.35 1.21 -8.59
CA ALA B 79 4.59 2.19 -7.53
C ALA B 79 3.26 2.81 -7.25
N ASN B 80 3.07 3.48 -6.08
CA ASN B 80 1.79 4.16 -5.96
C ASN B 80 1.88 5.61 -6.37
N SER B 81 3.03 6.01 -6.89
CA SER B 81 3.20 7.32 -7.49
C SER B 81 3.36 7.10 -8.99
N THR B 82 2.57 7.79 -9.81
CA THR B 82 2.74 7.70 -11.28
C THR B 82 4.17 8.09 -11.71
N ARG B 83 4.70 9.14 -11.11
CA ARG B 83 6.03 9.57 -11.54
C ARG B 83 7.03 8.47 -11.22
N GLU B 84 6.89 7.85 -10.06
CA GLU B 84 7.85 6.80 -9.71
C GLU B 84 7.71 5.54 -10.60
N ALA B 85 6.47 5.17 -10.89
CA ALA B 85 6.16 4.01 -11.75
C ALA B 85 6.86 4.31 -13.09
N ILE B 86 6.73 5.54 -13.59
CA ILE B 86 7.45 5.83 -14.84
C ILE B 86 8.94 5.62 -14.79
N GLU B 87 9.60 6.15 -13.75
CA GLU B 87 11.04 5.97 -13.63
C GLU B 87 11.43 4.51 -13.55
N LEU B 88 10.68 3.74 -12.74
CA LEU B 88 10.96 2.28 -12.61
C LEU B 88 10.79 1.52 -13.94
N THR B 89 9.71 1.85 -14.64
CA THR B 89 9.37 1.24 -15.89
C THR B 89 10.40 1.62 -16.98
N LYS B 90 10.82 2.89 -16.98
CA LYS B 90 11.90 3.27 -17.90
C LYS B 90 13.15 2.48 -17.59
N ALA B 91 13.49 2.28 -16.31
CA ALA B 91 14.75 1.66 -15.99
C ALA B 91 14.69 0.19 -16.47
N ALA B 92 13.51 -0.44 -16.32
CA ALA B 92 13.38 -1.81 -16.71
C ALA B 92 13.53 -1.93 -18.24
N LYS B 93 12.98 -0.93 -18.97
CA LYS B 93 13.09 -0.93 -20.44
C LYS B 93 14.60 -0.87 -20.80
N ASP B 94 15.33 -0.05 -20.10
CA ASP B 94 16.74 0.16 -20.45
C ASP B 94 17.58 -1.01 -20.09
N LEU B 95 17.15 -1.79 -19.08
CA LEU B 95 17.88 -3.00 -18.70
C LEU B 95 17.68 -4.13 -19.69
N GLY B 96 16.73 -3.92 -20.61
CA GLY B 96 16.38 -4.93 -21.59
C GLY B 96 15.25 -5.88 -21.09
N ALA B 97 14.46 -5.50 -20.07
CA ALA B 97 13.30 -6.39 -19.71
C ALA B 97 12.35 -6.56 -20.88
N ASP B 98 11.65 -7.71 -20.96
CA ASP B 98 10.69 -7.93 -22.07
C ASP B 98 9.36 -7.28 -21.84
N ALA B 99 9.02 -7.04 -20.56
CA ALA B 99 7.76 -6.43 -20.21
C ALA B 99 7.89 -5.97 -18.79
N ALA B 100 6.92 -5.16 -18.36
CA ALA B 100 6.87 -4.71 -16.94
C ALA B 100 5.54 -5.10 -16.35
N LEU B 101 5.56 -5.43 -15.05
CA LEU B 101 4.33 -5.77 -14.33
C LEU B 101 4.09 -4.67 -13.32
N LEU B 102 2.91 -4.06 -13.38
CA LEU B 102 2.60 -2.84 -12.56
C LEU B 102 1.34 -2.99 -11.76
N VAL B 103 1.55 -3.37 -10.50
CA VAL B 103 0.41 -3.42 -9.53
C VAL B 103 -0.33 -2.06 -9.54
N THR B 104 -1.64 -2.07 -9.32
CA THR B 104 -2.38 -0.78 -9.14
C THR B 104 -1.71 -0.04 -7.92
N PRO B 105 -1.65 1.29 -7.98
CA PRO B 105 -1.30 2.08 -6.78
C PRO B 105 -2.02 1.58 -5.51
N TYR B 106 -1.23 1.33 -4.47
CA TYR B 106 -1.74 0.82 -3.24
C TYR B 106 -1.72 1.92 -2.24
N TYR B 107 -2.58 1.77 -1.22
CA TYR B 107 -2.65 2.68 -0.04
C TYR B 107 -3.36 4.03 -0.29
N ASN B 108 -3.02 4.69 -1.39
CA ASN B 108 -3.63 5.97 -1.69
C ASN B 108 -4.97 5.92 -2.46
N LYS B 109 -5.41 4.73 -2.90
CA LYS B 109 -6.82 4.55 -3.36
C LYS B 109 -7.25 5.51 -4.47
N PRO B 110 -6.61 5.45 -5.61
CA PRO B 110 -7.07 6.37 -6.69
C PRO B 110 -8.45 5.96 -7.19
N THR B 111 -9.15 6.86 -7.88
CA THR B 111 -10.43 6.51 -8.49
C THR B 111 -10.20 5.63 -9.70
N GLN B 112 -11.28 5.13 -10.29
CA GLN B 112 -11.07 4.33 -11.55
C GLN B 112 -10.49 5.20 -12.62
N GLU B 113 -10.92 6.46 -12.70
CA GLU B 113 -10.33 7.34 -13.72
C GLU B 113 -8.83 7.65 -13.44
N GLY B 114 -8.47 7.72 -12.17
CA GLY B 114 -7.12 7.93 -11.71
C GLY B 114 -6.29 6.69 -12.10
N LEU B 115 -6.86 5.49 -11.96
CA LEU B 115 -6.13 4.27 -12.40
C LEU B 115 -5.90 4.35 -13.89
N TYR B 116 -6.96 4.76 -14.63
CA TYR B 116 -6.82 4.86 -16.09
C TYR B 116 -5.71 5.86 -16.46
N GLN B 117 -5.75 7.06 -15.85
CA GLN B 117 -4.76 8.06 -16.18
C GLN B 117 -3.35 7.64 -15.80
N HIS B 118 -3.20 6.91 -14.68
CA HIS B 118 -1.90 6.48 -14.17
C HIS B 118 -1.29 5.52 -15.21
N TYR B 119 -2.11 4.52 -15.61
CA TYR B 119 -1.52 3.56 -16.56
C TYR B 119 -1.30 4.16 -17.94
N LYS B 120 -2.20 5.05 -18.36
CA LYS B 120 -2.03 5.65 -19.66
C LYS B 120 -0.80 6.55 -19.66
N ALA B 121 -0.54 7.28 -18.57
CA ALA B 121 0.70 8.10 -18.49
C ALA B 121 1.94 7.25 -18.61
N ILE B 122 1.96 6.08 -17.93
CA ILE B 122 3.12 5.20 -18.04
C ILE B 122 3.30 4.65 -19.45
N ALA B 123 2.16 4.20 -20.04
CA ALA B 123 2.17 3.59 -21.44
C ALA B 123 2.71 4.64 -22.44
N GLU B 124 2.32 5.90 -22.23
CA GLU B 124 2.71 6.96 -23.14
C GLU B 124 4.13 7.39 -22.91
N ALA B 125 4.62 7.22 -21.68
CA ALA B 125 6.00 7.57 -21.38
C ALA B 125 7.04 6.53 -21.74
N VAL B 126 6.70 5.25 -21.73
CA VAL B 126 7.76 4.24 -21.91
C VAL B 126 7.27 3.26 -22.95
N GLU B 127 8.06 3.03 -23.99
CA GLU B 127 7.65 2.08 -25.01
C GLU B 127 8.06 0.67 -24.59
N LEU B 128 7.17 -0.01 -23.86
CA LEU B 128 7.51 -1.30 -23.30
C LEU B 128 6.19 -1.94 -23.03
N PRO B 129 6.10 -3.25 -23.28
CA PRO B 129 4.79 -3.91 -23.00
C PRO B 129 4.51 -3.90 -21.51
N LEU B 130 3.29 -3.53 -21.12
CA LEU B 130 2.96 -3.39 -19.71
C LEU B 130 1.84 -4.31 -19.35
N ILE B 131 2.03 -4.93 -18.20
CA ILE B 131 1.00 -5.82 -17.67
C ILE B 131 0.43 -5.20 -16.37
N LEU B 132 -0.87 -4.89 -16.44
CA LEU B 132 -1.64 -4.43 -15.24
C LEU B 132 -1.66 -5.49 -14.15
N TYR B 133 -1.86 -5.12 -12.89
CA TYR B 133 -1.94 -6.19 -11.88
C TYR B 133 -2.91 -5.73 -10.82
N ASN B 134 -4.02 -6.45 -10.69
CA ASN B 134 -5.04 -6.14 -9.69
C ASN B 134 -5.05 -7.14 -8.53
N VAL B 135 -4.89 -6.65 -7.29
CA VAL B 135 -4.84 -7.54 -6.07
C VAL B 135 -5.51 -6.73 -4.96
N PRO B 136 -6.84 -6.55 -5.03
CA PRO B 136 -7.51 -5.59 -4.17
C PRO B 136 -7.25 -5.82 -2.66
N GLY B 137 -7.06 -7.07 -2.22
CA GLY B 137 -6.88 -7.33 -0.77
C GLY B 137 -5.61 -6.72 -0.23
N ARG B 138 -4.60 -6.54 -1.10
CA ARG B 138 -3.36 -5.89 -0.66
C ARG B 138 -3.33 -4.37 -0.87
N THR B 139 -4.07 -3.89 -1.86
CA THR B 139 -3.85 -2.50 -2.32
C THR B 139 -4.87 -1.52 -1.76
N GLY B 140 -6.04 -2.01 -1.37
CA GLY B 140 -7.10 -1.07 -1.09
C GLY B 140 -7.89 -0.59 -2.30
N VAL B 141 -7.56 -1.10 -3.48
CA VAL B 141 -8.28 -0.63 -4.69
C VAL B 141 -8.58 -1.77 -5.64
N ASP B 142 -9.73 -1.66 -6.32
CA ASP B 142 -10.09 -2.75 -7.20
C ASP B 142 -10.20 -2.14 -8.62
N LEU B 143 -9.27 -2.53 -9.50
CA LEU B 143 -9.34 -2.09 -10.95
C LEU B 143 -10.43 -2.91 -11.61
N SER B 144 -11.58 -2.29 -11.88
CA SER B 144 -12.75 -3.01 -12.32
C SER B 144 -12.50 -3.64 -13.72
N ASN B 145 -13.34 -4.62 -14.07
CA ASN B 145 -13.20 -5.20 -15.43
C ASN B 145 -13.43 -4.07 -16.44
N ASP B 146 -14.44 -3.23 -16.20
CA ASP B 146 -14.73 -2.04 -17.13
C ASP B 146 -13.49 -1.16 -17.40
N THR B 147 -12.74 -0.86 -16.32
CA THR B 147 -11.51 -0.05 -16.47
C THR B 147 -10.44 -0.84 -17.16
N ALA B 148 -10.28 -2.13 -16.81
CA ALA B 148 -9.33 -2.97 -17.57
C ALA B 148 -9.58 -2.98 -19.14
N VAL B 149 -10.84 -3.18 -19.45
CA VAL B 149 -11.33 -3.19 -20.88
C VAL B 149 -11.03 -1.85 -21.58
N ARG B 150 -11.23 -0.75 -20.87
CA ARG B 150 -10.79 0.54 -21.40
C ARG B 150 -9.27 0.57 -21.60
N LEU B 151 -8.48 0.12 -20.63
CA LEU B 151 -7.03 0.29 -20.72
C LEU B 151 -6.41 -0.61 -21.81
N ALA B 152 -7.13 -1.69 -22.14
CA ALA B 152 -6.64 -2.64 -23.14
C ALA B 152 -6.56 -1.92 -24.50
N GLU B 153 -7.29 -0.79 -24.61
CA GLU B 153 -7.28 0.01 -25.87
C GLU B 153 -6.01 0.87 -26.03
N ILE B 154 -5.24 1.05 -24.94
CA ILE B 154 -4.02 1.87 -24.90
C ILE B 154 -2.87 1.09 -25.43
N PRO B 155 -2.15 1.67 -26.44
CA PRO B 155 -0.96 1.04 -26.93
C PRO B 155 0.06 0.83 -25.75
N ASN B 156 0.64 -0.38 -25.73
CA ASN B 156 1.66 -0.81 -24.78
C ASN B 156 1.04 -1.53 -23.60
N ILE B 157 -0.26 -1.43 -23.41
CA ILE B 157 -0.88 -2.15 -22.34
C ILE B 157 -1.32 -3.51 -22.96
N VAL B 158 -0.65 -4.56 -22.52
CA VAL B 158 -0.71 -5.83 -23.18
C VAL B 158 -1.32 -6.98 -22.31
N GLY B 159 -1.61 -6.71 -21.07
CA GLY B 159 -2.28 -7.74 -20.25
C GLY B 159 -2.59 -7.29 -18.85
N ILE B 160 -3.22 -8.17 -18.09
CA ILE B 160 -3.52 -7.91 -16.68
C ILE B 160 -3.38 -9.25 -15.94
N LYS B 161 -2.70 -9.16 -14.78
CA LYS B 161 -2.65 -10.21 -13.82
C LYS B 161 -3.79 -9.99 -12.86
N ASP B 162 -4.76 -10.92 -12.92
CA ASP B 162 -6.02 -10.87 -12.16
C ASP B 162 -5.82 -11.77 -10.94
N ALA B 163 -5.50 -11.17 -9.81
CA ALA B 163 -5.39 -11.96 -8.55
C ALA B 163 -6.67 -12.03 -7.69
N THR B 164 -7.81 -11.69 -8.24
CA THR B 164 -9.06 -11.77 -7.47
C THR B 164 -9.43 -13.20 -7.07
N GLY B 165 -8.97 -14.20 -7.82
CA GLY B 165 -9.39 -15.59 -7.59
C GLY B 165 -10.91 -15.77 -7.81
N ASP B 166 -11.55 -14.81 -8.50
CA ASP B 166 -12.97 -14.85 -8.73
C ASP B 166 -13.11 -15.34 -10.16
N VAL B 167 -13.42 -16.65 -10.37
CA VAL B 167 -13.31 -17.21 -11.74
C VAL B 167 -14.44 -16.68 -12.64
N PRO B 168 -15.73 -16.56 -12.13
CA PRO B 168 -16.75 -15.95 -13.02
C PRO B 168 -16.35 -14.56 -13.47
N ARG B 169 -15.78 -13.77 -12.57
CA ARG B 169 -15.32 -12.43 -12.96
C ARG B 169 -14.13 -12.42 -13.94
N GLY B 170 -13.21 -13.35 -13.78
CA GLY B 170 -12.09 -13.42 -14.72
C GLY B 170 -12.61 -13.91 -16.10
N LYS B 171 -13.51 -14.90 -16.13
CA LYS B 171 -14.14 -15.32 -17.40
C LYS B 171 -14.85 -14.12 -18.06
N ALA B 172 -15.56 -13.34 -17.27
CA ALA B 172 -16.29 -12.20 -17.85
C ALA B 172 -15.29 -11.21 -18.47
N LEU B 173 -14.17 -11.00 -17.81
CA LEU B 173 -13.09 -10.16 -18.37
C LEU B 173 -12.44 -10.69 -19.65
N ILE B 174 -12.09 -11.97 -19.66
CA ILE B 174 -11.59 -12.57 -20.87
C ILE B 174 -12.60 -12.46 -22.04
N ASP B 175 -13.88 -12.73 -21.77
CA ASP B 175 -14.91 -12.67 -22.83
C ASP B 175 -15.09 -11.26 -23.35
N ALA B 176 -15.04 -10.25 -22.47
CA ALA B 176 -15.23 -8.85 -22.87
C ALA B 176 -14.05 -8.38 -23.70
N LEU B 177 -12.85 -8.84 -23.33
CA LEU B 177 -11.68 -8.40 -24.02
C LEU B 177 -11.59 -8.93 -25.45
N ASN B 178 -12.07 -10.16 -25.63
CA ASN B 178 -12.03 -10.79 -26.95
C ASN B 178 -10.65 -10.69 -27.57
N GLY B 179 -9.60 -11.02 -26.80
CA GLY B 179 -8.25 -11.01 -27.37
C GLY B 179 -7.43 -9.73 -27.35
N LYS B 180 -8.04 -8.62 -27.01
CA LYS B 180 -7.42 -7.31 -27.14
C LYS B 180 -6.23 -7.17 -26.19
N MET B 181 -6.29 -7.80 -25.02
CA MET B 181 -5.04 -8.00 -24.25
C MET B 181 -5.08 -9.36 -23.47
N ALA B 182 -3.97 -9.74 -22.89
CA ALA B 182 -3.84 -11.06 -22.23
C ALA B 182 -4.44 -10.95 -20.83
N VAL B 183 -4.88 -12.07 -20.27
CA VAL B 183 -5.27 -12.18 -18.84
C VAL B 183 -4.43 -13.29 -18.29
N TYR B 184 -3.81 -13.01 -17.14
CA TYR B 184 -2.98 -14.00 -16.44
C TYR B 184 -3.67 -14.22 -15.09
N SER B 185 -3.66 -15.47 -14.62
CA SER B 185 -4.16 -15.65 -13.25
C SER B 185 -3.06 -15.09 -12.28
N GLY B 186 -3.47 -14.49 -11.14
CA GLY B 186 -2.59 -14.22 -10.03
C GLY B 186 -3.10 -14.95 -8.82
N ASP B 187 -3.84 -16.07 -9.04
CA ASP B 187 -4.32 -16.87 -7.92
C ASP B 187 -4.04 -18.37 -8.23
N ASP B 188 -3.00 -18.92 -7.62
CA ASP B 188 -2.59 -20.32 -7.95
C ASP B 188 -3.77 -21.31 -7.69
N GLU B 189 -4.61 -21.09 -6.63
CA GLU B 189 -5.67 -22.00 -6.33
C GLU B 189 -6.62 -22.17 -7.55
N THR B 190 -6.94 -21.07 -8.27
CA THR B 190 -7.85 -21.22 -9.37
C THR B 190 -7.22 -21.06 -10.75
N ALA B 191 -5.88 -20.93 -10.83
CA ALA B 191 -5.23 -20.60 -12.14
C ALA B 191 -5.55 -21.62 -13.24
N TRP B 192 -5.45 -22.92 -12.88
CA TRP B 192 -5.79 -23.94 -13.86
C TRP B 192 -7.19 -23.70 -14.49
N GLU B 193 -8.21 -23.27 -13.72
CA GLU B 193 -9.53 -23.05 -14.28
C GLU B 193 -9.48 -21.82 -15.18
N LEU B 194 -8.83 -20.73 -14.71
CA LEU B 194 -8.74 -19.50 -15.60
C LEU B 194 -8.01 -19.78 -16.89
N MET B 195 -6.98 -20.65 -16.89
CA MET B 195 -6.34 -20.99 -18.12
C MET B 195 -7.23 -21.81 -19.04
N LEU B 196 -8.01 -22.69 -18.44
CA LEU B 196 -8.94 -23.51 -19.24
C LEU B 196 -9.96 -22.58 -19.88
N LEU B 197 -10.22 -21.45 -19.24
CA LEU B 197 -11.22 -20.46 -19.72
C LEU B 197 -10.62 -19.37 -20.63
N GLY B 198 -9.35 -19.49 -20.96
CA GLY B 198 -8.68 -18.64 -21.96
C GLY B 198 -7.60 -17.70 -21.43
N ALA B 199 -7.25 -17.81 -20.13
CA ALA B 199 -6.14 -17.02 -19.62
C ALA B 199 -4.86 -17.51 -20.26
N ASP B 200 -3.90 -16.60 -20.40
CA ASP B 200 -2.67 -16.86 -21.15
C ASP B 200 -1.59 -17.48 -20.28
N GLY B 201 -1.80 -17.53 -18.99
CA GLY B 201 -0.78 -18.13 -18.13
C GLY B 201 -1.07 -17.85 -16.68
N ASN B 202 -0.10 -18.21 -15.82
CA ASN B 202 -0.34 -18.06 -14.38
C ASN B 202 0.97 -17.43 -13.86
N ILE B 203 0.86 -16.29 -13.22
CA ILE B 203 2.02 -15.59 -12.64
C ILE B 203 1.97 -16.04 -11.20
N SER B 204 2.82 -17.02 -10.92
CA SER B 204 2.56 -18.05 -9.93
C SER B 204 3.54 -17.91 -8.72
N VAL B 205 2.99 -18.11 -7.51
CA VAL B 205 3.83 -18.34 -6.32
C VAL B 205 4.29 -19.78 -6.24
N THR B 206 3.34 -20.69 -6.37
CA THR B 206 3.64 -22.13 -6.27
C THR B 206 4.75 -22.56 -7.24
N ALA B 207 4.82 -21.93 -8.41
CA ALA B 207 5.90 -22.32 -9.35
C ALA B 207 7.28 -22.11 -8.77
N ASN B 208 7.43 -21.32 -7.72
CA ASN B 208 8.74 -21.18 -7.07
C ASN B 208 9.31 -22.48 -6.53
N ILE B 209 8.40 -23.36 -6.09
CA ILE B 209 8.84 -24.62 -5.46
C ILE B 209 8.48 -25.86 -6.25
N ALA B 210 7.52 -25.75 -7.17
CA ALA B 210 7.14 -26.85 -8.08
C ALA B 210 7.15 -26.31 -9.53
N PRO B 211 8.33 -25.86 -10.04
CA PRO B 211 8.31 -25.26 -11.39
C PRO B 211 7.96 -26.26 -12.49
N LYS B 212 8.42 -27.50 -12.36
CA LYS B 212 8.15 -28.44 -13.42
C LYS B 212 6.65 -28.73 -13.37
N ALA B 213 6.08 -29.00 -12.18
CA ALA B 213 4.63 -29.30 -12.08
C ALA B 213 3.76 -28.16 -12.63
N MET B 214 4.14 -26.91 -12.35
CA MET B 214 3.25 -25.80 -12.66
C MET B 214 3.39 -25.56 -14.17
N SER B 215 4.59 -25.82 -14.71
CA SER B 215 4.78 -25.69 -16.17
C SER B 215 3.87 -26.68 -16.88
N GLU B 216 3.69 -27.88 -16.30
CA GLU B 216 2.84 -28.86 -16.94
C GLU B 216 1.37 -28.46 -16.81
N VAL B 217 0.97 -27.97 -15.64
CA VAL B 217 -0.40 -27.60 -15.45
C VAL B 217 -0.76 -26.48 -16.45
N CYS B 218 0.11 -25.50 -16.55
CA CYS B 218 -0.14 -24.43 -17.53
C CYS B 218 -0.21 -24.94 -18.98
N ALA B 219 0.72 -25.77 -19.44
CA ALA B 219 0.68 -26.31 -20.81
C ALA B 219 -0.65 -27.03 -21.06
N VAL B 220 -1.09 -27.91 -20.12
CA VAL B 220 -2.31 -28.67 -20.42
C VAL B 220 -3.53 -27.81 -20.34
N ALA B 221 -3.54 -26.82 -19.45
CA ALA B 221 -4.70 -25.95 -19.33
C ALA B 221 -4.87 -24.98 -20.52
N ILE B 222 -3.73 -24.47 -20.98
CA ILE B 222 -3.70 -23.60 -22.18
C ILE B 222 -4.15 -24.37 -23.44
N ALA B 223 -3.75 -25.65 -23.48
CA ALA B 223 -4.21 -26.59 -24.48
C ALA B 223 -5.69 -27.02 -24.32
N LYS B 224 -6.35 -26.57 -23.28
CA LYS B 224 -7.79 -26.84 -23.06
C LYS B 224 -8.11 -28.28 -22.74
N ASP B 225 -7.21 -28.93 -22.02
CA ASP B 225 -7.35 -30.34 -21.67
C ASP B 225 -7.77 -30.32 -20.20
N GLU B 226 -9.08 -30.32 -20.04
CA GLU B 226 -9.70 -30.09 -18.74
C GLU B 226 -9.34 -31.23 -17.78
N GLN B 227 -9.41 -32.46 -18.24
CA GLN B 227 -9.10 -33.54 -17.29
C GLN B 227 -7.65 -33.53 -16.84
N GLN B 228 -6.72 -33.35 -17.77
CA GLN B 228 -5.32 -33.30 -17.42
C GLN B 228 -5.06 -32.12 -16.53
N ALA B 229 -5.69 -30.97 -16.84
CA ALA B 229 -5.43 -29.79 -15.95
C ALA B 229 -5.94 -30.11 -14.50
N LYS B 230 -7.14 -30.69 -14.39
CA LYS B 230 -7.63 -31.05 -13.07
C LYS B 230 -6.72 -32.03 -12.39
N THR B 231 -6.29 -33.08 -13.08
CA THR B 231 -5.49 -34.14 -12.42
C THR B 231 -4.12 -33.60 -11.98
N LEU B 232 -3.43 -32.88 -12.87
CA LEU B 232 -2.13 -32.34 -12.53
C LEU B 232 -2.19 -31.28 -11.44
N ASN B 233 -3.21 -30.42 -11.53
CA ASN B 233 -3.34 -29.42 -10.50
C ASN B 233 -3.66 -30.06 -9.12
N ASN B 234 -4.43 -31.15 -9.12
CA ASN B 234 -4.78 -31.76 -7.87
C ASN B 234 -3.54 -32.19 -7.05
N LYS B 235 -2.51 -32.70 -7.75
CA LYS B 235 -1.24 -33.12 -7.09
C LYS B 235 -0.56 -32.02 -6.29
N ILE B 236 -0.69 -30.78 -6.77
CA ILE B 236 -0.08 -29.63 -6.06
C ILE B 236 -1.06 -28.67 -5.39
N ALA B 237 -2.34 -29.08 -5.33
CA ALA B 237 -3.42 -28.19 -4.82
C ALA B 237 -3.16 -27.76 -3.38
N ASN B 238 -2.69 -28.69 -2.55
CA ASN B 238 -2.42 -28.39 -1.16
C ASN B 238 -1.30 -27.39 -1.03
N LEU B 239 -0.33 -27.44 -1.96
CA LEU B 239 0.72 -26.39 -1.93
C LEU B 239 0.16 -24.98 -2.15
N HIS B 240 -0.82 -24.84 -3.05
CA HIS B 240 -1.41 -23.52 -3.29
C HIS B 240 -2.02 -22.97 -2.01
N ASN B 241 -2.53 -23.83 -1.11
CA ASN B 241 -3.14 -23.33 0.15
C ASN B 241 -2.04 -22.99 1.19
N ILE B 242 -1.09 -23.91 1.35
CA ILE B 242 -0.15 -23.79 2.43
C ILE B 242 0.84 -22.65 2.21
N LEU B 243 1.00 -22.16 0.96
CA LEU B 243 1.96 -21.10 0.65
C LEU B 243 1.47 -19.70 1.03
N PHE B 244 0.25 -19.69 1.58
CA PHE B 244 -0.40 -18.44 2.06
C PHE B 244 -0.87 -18.54 3.55
N CYS B 245 -0.32 -19.54 4.30
CA CYS B 245 -0.63 -19.71 5.73
C CYS B 245 -0.21 -18.47 6.51
N GLU B 246 0.88 -17.81 6.05
CA GLU B 246 1.17 -16.41 6.42
C GLU B 246 1.38 -15.67 5.10
N SER B 247 1.39 -14.35 5.17
CA SER B 247 1.38 -13.58 3.93
C SER B 247 2.55 -13.99 3.02
N ASN B 248 2.27 -14.25 1.76
CA ASN B 248 3.35 -14.49 0.77
C ASN B 248 4.23 -13.22 0.73
N PRO B 249 5.56 -13.34 0.60
CA PRO B 249 6.35 -14.57 0.32
C PRO B 249 6.88 -15.23 1.59
N ILE B 250 6.22 -15.02 2.74
CA ILE B 250 6.83 -15.60 3.96
C ILE B 250 6.91 -17.16 3.84
N PRO B 251 5.79 -17.83 3.54
CA PRO B 251 5.93 -19.26 3.48
C PRO B 251 6.75 -19.81 2.32
N VAL B 252 6.64 -19.20 1.12
CA VAL B 252 7.43 -19.72 0.04
C VAL B 252 8.90 -19.60 0.24
N LYS B 253 9.33 -18.51 0.87
CA LYS B 253 10.75 -18.38 1.17
C LYS B 253 11.17 -19.50 2.17
N TRP B 254 10.34 -19.82 3.15
CA TRP B 254 10.68 -20.91 4.11
C TRP B 254 10.75 -22.25 3.31
N ALA B 255 9.78 -22.44 2.38
CA ALA B 255 9.75 -23.71 1.65
C ALA B 255 11.07 -23.87 0.90
N LEU B 256 11.51 -22.82 0.21
CA LEU B 256 12.78 -22.90 -0.54
C LEU B 256 13.99 -23.14 0.39
N HIS B 257 13.92 -22.61 1.62
CA HIS B 257 15.06 -22.85 2.56
C HIS B 257 15.00 -24.37 2.95
N GLU B 258 13.80 -24.88 3.19
CA GLU B 258 13.67 -26.35 3.51
C GLU B 258 14.16 -27.24 2.34
N MET B 259 14.01 -26.73 1.11
CA MET B 259 14.50 -27.45 -0.08
C MET B 259 16.00 -27.30 -0.24
N GLY B 260 16.65 -26.51 0.60
CA GLY B 260 18.09 -26.28 0.50
C GLY B 260 18.50 -25.31 -0.58
N LEU B 261 17.56 -24.52 -1.07
CA LEU B 261 17.88 -23.70 -2.23
C LEU B 261 18.20 -22.24 -1.88
N ILE B 262 17.67 -21.76 -0.77
CA ILE B 262 18.02 -20.40 -0.31
C ILE B 262 18.24 -20.41 1.20
N ASP B 263 18.85 -19.34 1.68
CA ASP B 263 19.05 -19.11 3.10
C ASP B 263 17.81 -18.38 3.66
N THR B 264 17.82 -18.03 4.95
CA THR B 264 16.61 -17.60 5.67
C THR B 264 16.30 -16.10 5.60
N GLY B 265 17.14 -15.33 4.93
CA GLY B 265 16.97 -13.84 4.90
C GLY B 265 15.61 -13.42 4.35
N ILE B 266 14.97 -12.47 5.05
CA ILE B 266 13.74 -11.89 4.57
C ILE B 266 13.65 -10.54 5.31
N ARG B 267 13.17 -9.48 4.67
CA ARG B 267 13.32 -8.12 5.23
C ARG B 267 12.13 -7.60 6.03
N LEU B 268 12.39 -7.03 7.23
CA LEU B 268 11.34 -6.41 8.00
C LEU B 268 10.62 -5.37 7.12
N PRO B 269 9.26 -5.33 7.21
CA PRO B 269 8.41 -5.87 8.21
C PRO B 269 7.99 -7.33 8.03
N LEU B 270 8.53 -7.96 6.98
CA LEU B 270 8.29 -9.41 6.84
C LEU B 270 9.24 -10.14 7.78
N THR B 271 8.86 -11.40 8.08
CA THR B 271 9.51 -12.20 9.11
C THR B 271 9.60 -13.64 8.63
N PRO B 272 10.67 -14.36 9.03
CA PRO B 272 10.67 -15.80 8.64
C PRO B 272 9.42 -16.46 9.16
N LEU B 273 8.96 -17.44 8.38
CA LEU B 273 7.75 -18.15 8.74
C LEU B 273 7.74 -18.59 10.21
N ALA B 274 6.63 -18.38 10.89
CA ALA B 274 6.56 -18.64 12.34
C ALA B 274 6.87 -20.11 12.55
N GLU B 275 7.58 -20.35 13.64
CA GLU B 275 8.08 -21.69 13.95
C GLU B 275 6.99 -22.78 13.85
N GLN B 276 5.79 -22.50 14.33
CA GLN B 276 4.74 -23.50 14.35
C GLN B 276 4.30 -24.00 12.99
N TYR B 277 4.58 -23.22 11.94
CA TYR B 277 4.09 -23.57 10.64
C TYR B 277 5.15 -24.36 9.88
N ARG B 278 6.38 -24.48 10.41
CA ARG B 278 7.45 -25.11 9.60
C ARG B 278 7.30 -26.61 9.41
N GLU B 279 6.90 -27.31 10.48
CA GLU B 279 6.59 -28.79 10.35
C GLU B 279 5.41 -29.07 9.37
N PRO B 280 4.24 -28.43 9.55
CA PRO B 280 3.17 -28.62 8.57
C PRO B 280 3.66 -28.30 7.11
N LEU B 281 4.53 -27.30 6.95
CA LEU B 281 4.97 -26.95 5.60
C LEU B 281 5.91 -28.05 5.11
N ARG B 282 6.80 -28.53 5.98
CA ARG B 282 7.64 -29.64 5.56
C ARG B 282 6.79 -30.85 5.14
N ASN B 283 5.73 -31.11 5.87
CA ASN B 283 4.89 -32.30 5.59
C ASN B 283 4.18 -32.18 4.22
N ALA B 284 3.69 -30.97 3.92
CA ALA B 284 3.14 -30.68 2.61
C ALA B 284 4.18 -30.83 1.47
N LEU B 285 5.41 -30.42 1.69
CA LEU B 285 6.45 -30.59 0.66
C LEU B 285 6.72 -32.06 0.49
N LYS B 286 6.78 -32.77 1.63
CA LYS B 286 7.07 -34.23 1.52
C LYS B 286 5.94 -34.97 0.79
N ASP B 287 4.69 -34.63 1.12
CA ASP B 287 3.52 -35.23 0.49
C ASP B 287 3.55 -34.99 -1.03
N ALA B 288 3.95 -33.78 -1.42
CA ALA B 288 4.00 -33.37 -2.83
C ALA B 288 5.17 -33.97 -3.59
N GLY B 289 6.07 -34.69 -2.91
CA GLY B 289 7.26 -35.25 -3.54
C GLY B 289 8.40 -34.27 -3.79
N ILE B 290 8.33 -33.06 -3.24
CA ILE B 290 9.31 -32.02 -3.50
C ILE B 290 10.56 -32.20 -2.64
N ILE B 291 10.39 -32.55 -1.37
CA ILE B 291 11.53 -33.02 -0.59
C ILE B 291 11.32 -34.46 -0.10
#